data_7T9H
#
_entry.id   7T9H
#
_cell.length_a   49.885
_cell.length_b   49.885
_cell.length_c   226.385
_cell.angle_alpha   90.000
_cell.angle_beta   90.000
_cell.angle_gamma   120.000
#
_symmetry.space_group_name_H-M   'P 31 2 1'
#
loop_
_entity.id
_entity.type
_entity.pdbx_description
1 polymer Integrase
2 non-polymer 'MAGNESIUM ION'
3 non-polymer '(2S)-tert-butoxy[2-methyl-4-(4-methylphenyl)quinolin-3-yl]acetic acid'
4 water water
#
_entity_poly.entity_id   1
_entity_poly.type   'polypeptide(L)'
_entity_poly.pdbx_seq_one_letter_code
;GSHMHGQVDSSPGIWQLDCTHLEGKVILVAVHVASGYIEAEVIPAETGQETAYFLLKLAGRWPVKTVHTDNGSNFTSTTV
KAACEWAGIKQEFGIPYNPQSQGVIESMNKELKKIIGQVRDQAEHLKTAVQMAVFIHNKKRKGGIGGYSAGERIVDIIAT
DIQTKE
;
_entity_poly.pdbx_strand_id   A,B
#
loop_
_chem_comp.id
_chem_comp.type
_chem_comp.name
_chem_comp.formula
GE7 non-polymer '(2S)-tert-butoxy[2-methyl-4-(4-methylphenyl)quinolin-3-yl]acetic acid' 'C23 H25 N O3'
MG non-polymer 'MAGNESIUM ION' 'Mg 2'
#
# COMPACT_ATOMS: atom_id res chain seq x y z
N GLN A 7 -16.75 5.05 21.35
CA GLN A 7 -15.72 6.06 21.56
C GLN A 7 -14.58 5.95 20.54
N VAL A 8 -14.26 4.71 20.11
CA VAL A 8 -13.23 4.44 19.10
C VAL A 8 -13.98 4.28 17.78
N ASP A 9 -13.81 5.24 16.85
CA ASP A 9 -14.52 5.25 15.57
C ASP A 9 -14.15 4.09 14.65
N SER A 10 -15.06 3.09 14.52
CA SER A 10 -14.84 1.92 13.65
C SER A 10 -15.63 2.00 12.34
N SER A 11 -15.86 3.21 11.84
CA SER A 11 -16.55 3.41 10.57
C SER A 11 -15.64 2.91 9.41
N PRO A 12 -16.22 2.49 8.29
CA PRO A 12 -15.41 1.92 7.17
C PRO A 12 -14.32 2.80 6.57
N GLY A 13 -14.41 4.11 6.76
CA GLY A 13 -13.42 5.04 6.21
C GLY A 13 -12.42 5.57 7.22
N ILE A 14 -12.46 5.08 8.47
CA ILE A 14 -11.58 5.59 9.53
C ILE A 14 -10.24 4.85 9.62
N TRP A 15 -9.15 5.64 9.74
CA TRP A 15 -7.79 5.12 9.84
C TRP A 15 -7.05 5.78 10.98
N GLN A 16 -6.11 5.03 11.58
CA GLN A 16 -5.24 5.55 12.64
C GLN A 16 -3.81 5.45 12.16
N LEU A 17 -3.05 6.53 12.19
CA LEU A 17 -1.66 6.52 11.73
C LEU A 17 -0.72 6.94 12.83
N ASP A 18 0.56 6.52 12.79
CA ASP A 18 1.58 6.91 13.78
C ASP A 18 2.97 6.43 13.37
N CYS A 19 4.03 7.01 13.95
CA CYS A 19 5.39 6.59 13.67
C CYS A 19 5.99 5.77 14.82
N THR A 20 6.55 4.60 14.48
CA THR A 20 7.27 3.82 15.46
C THR A 20 8.74 3.80 15.07
N HIS A 21 9.62 3.30 15.97
CA HIS A 21 11.06 3.32 15.70
C HIS A 21 11.77 2.04 16.05
N LEU A 22 12.70 1.64 15.18
CA LEU A 22 13.51 0.44 15.34
C LEU A 22 14.82 0.69 14.62
N GLU A 23 15.96 0.32 15.24
CA GLU A 23 17.30 0.42 14.65
C GLU A 23 17.64 1.82 14.11
N GLY A 24 17.16 2.85 14.82
CA GLY A 24 17.38 4.24 14.45
C GLY A 24 16.63 4.67 13.22
N LYS A 25 15.64 3.86 12.78
CA LYS A 25 14.82 4.10 11.60
C LYS A 25 13.39 4.41 11.92
N VAL A 26 12.72 5.10 11.00
CA VAL A 26 11.34 5.53 11.16
C VAL A 26 10.37 4.63 10.42
N ILE A 27 9.34 4.14 11.12
CA ILE A 27 8.32 3.32 10.47
C ILE A 27 6.94 3.99 10.55
N LEU A 28 6.43 4.49 9.42
CA LEU A 28 5.12 5.09 9.31
C LEU A 28 4.09 3.96 9.12
N VAL A 29 3.17 3.81 10.05
CA VAL A 29 2.22 2.71 10.05
C VAL A 29 0.79 3.25 10.04
N ALA A 30 -0.10 2.62 9.28
CA ALA A 30 -1.51 3.01 9.18
C ALA A 30 -2.37 1.78 9.48
N VAL A 31 -3.44 1.92 10.26
CA VAL A 31 -4.35 0.81 10.53
C VAL A 31 -5.80 1.20 10.14
N HIS A 32 -6.48 0.33 9.37
CA HIS A 32 -7.89 0.55 9.04
C HIS A 32 -8.61 0.00 10.25
N VAL A 33 -8.88 0.87 11.24
CA VAL A 33 -9.46 0.59 12.56
C VAL A 33 -10.43 -0.61 12.61
N ALA A 34 -11.52 -0.59 11.83
CA ALA A 34 -12.56 -1.63 11.87
C ALA A 34 -12.12 -3.04 11.54
N SER A 35 -11.01 -3.20 10.79
CA SER A 35 -10.56 -4.52 10.34
C SER A 35 -9.25 -5.00 10.93
N GLY A 36 -8.42 -4.06 11.33
CA GLY A 36 -7.09 -4.38 11.81
C GLY A 36 -6.06 -4.49 10.71
N TYR A 37 -6.43 -4.12 9.47
CA TYR A 37 -5.53 -4.16 8.34
C TYR A 37 -4.48 -3.09 8.49
N ILE A 38 -3.21 -3.40 8.18
CA ILE A 38 -2.15 -2.43 8.27
C ILE A 38 -1.34 -2.27 6.98
N GLU A 39 -0.75 -1.10 6.82
CA GLU A 39 0.19 -0.72 5.78
C GLU A 39 1.32 -0.02 6.52
N ALA A 40 2.54 -0.36 6.18
CA ALA A 40 3.71 0.24 6.82
C ALA A 40 4.78 0.59 5.80
N GLU A 41 5.60 1.57 6.14
CA GLU A 41 6.67 1.98 5.26
C GLU A 41 7.81 2.52 6.09
N VAL A 42 9.05 2.19 5.69
CA VAL A 42 10.20 2.74 6.36
C VAL A 42 10.51 4.04 5.63
N ILE A 43 10.48 5.17 6.34
CA ILE A 43 10.74 6.45 5.72
C ILE A 43 12.10 6.99 6.17
N PRO A 44 12.86 7.60 5.25
CA PRO A 44 14.22 8.08 5.59
C PRO A 44 14.27 9.13 6.69
N ALA A 45 13.22 9.94 6.77
CA ALA A 45 13.14 11.01 7.75
C ALA A 45 11.69 11.10 8.26
N GLU A 46 11.50 11.56 9.51
CA GLU A 46 10.17 11.67 10.11
C GLU A 46 9.61 13.06 9.78
N THR A 47 9.34 13.29 8.49
CA THR A 47 8.95 14.61 7.99
C THR A 47 7.60 14.58 7.29
N GLY A 48 7.03 15.76 7.11
CA GLY A 48 5.77 15.94 6.41
C GLY A 48 5.82 15.41 4.99
N GLN A 49 6.92 15.69 4.25
CA GLN A 49 7.07 15.24 2.86
C GLN A 49 6.92 13.74 2.71
N GLU A 50 7.56 12.97 3.57
CA GLU A 50 7.47 11.50 3.55
C GLU A 50 6.12 10.98 3.97
N THR A 51 5.49 11.63 4.94
CA THR A 51 4.18 11.27 5.43
C THR A 51 3.08 11.57 4.43
N ALA A 52 3.21 12.70 3.70
CA ALA A 52 2.27 13.13 2.67
C ALA A 52 2.33 12.19 1.48
N TYR A 53 3.54 11.76 1.09
CA TYR A 53 3.71 10.82 -0.01
C TYR A 53 3.06 9.47 0.34
N PHE A 54 3.21 9.05 1.62
CA PHE A 54 2.59 7.85 2.17
C PHE A 54 1.08 7.99 2.12
N LEU A 55 0.55 9.14 2.55
CA LEU A 55 -0.89 9.38 2.52
C LEU A 55 -1.43 9.36 1.08
N LEU A 56 -0.72 9.98 0.12
CA LEU A 56 -1.10 9.97 -1.30
C LEU A 56 -1.26 8.53 -1.82
N LYS A 57 -0.34 7.61 -1.42
CA LYS A 57 -0.39 6.21 -1.87
C LYS A 57 -1.57 5.47 -1.24
N LEU A 58 -1.76 5.65 0.07
CA LEU A 58 -2.85 5.02 0.79
C LEU A 58 -4.22 5.49 0.22
N ALA A 59 -4.38 6.79 -0.01
CA ALA A 59 -5.59 7.36 -0.54
C ALA A 59 -5.96 6.81 -1.93
N GLY A 60 -4.97 6.39 -2.70
CA GLY A 60 -5.20 5.82 -4.02
C GLY A 60 -5.77 4.41 -4.04
N ARG A 61 -5.71 3.67 -2.93
CA ARG A 61 -6.22 2.30 -2.89
C ARG A 61 -7.54 2.13 -2.15
N TRP A 62 -7.67 2.83 -1.04
CA TRP A 62 -8.82 2.68 -0.17
C TRP A 62 -9.64 3.95 -0.13
N PRO A 63 -10.95 3.83 0.15
CA PRO A 63 -11.75 5.04 0.36
C PRO A 63 -11.49 5.62 1.76
N VAL A 64 -10.40 6.41 1.90
CA VAL A 64 -10.03 7.03 3.16
C VAL A 64 -10.87 8.29 3.44
N LYS A 65 -11.72 8.27 4.48
CA LYS A 65 -12.51 9.43 4.81
C LYS A 65 -11.87 10.21 5.97
N THR A 66 -11.24 9.51 6.94
CA THR A 66 -10.61 10.18 8.09
C THR A 66 -9.31 9.54 8.50
N VAL A 67 -8.33 10.38 8.82
CA VAL A 67 -7.04 9.96 9.31
C VAL A 67 -6.85 10.58 10.71
N HIS A 68 -6.69 9.73 11.73
CA HIS A 68 -6.51 10.12 13.12
C HIS A 68 -5.04 10.00 13.40
N THR A 69 -4.45 11.10 13.84
CA THR A 69 -3.03 11.12 14.16
C THR A 69 -2.82 11.82 15.52
N ASP A 70 -1.57 11.86 16.00
CA ASP A 70 -1.21 12.66 17.14
C ASP A 70 -0.76 14.04 16.58
N ASN A 71 -0.24 14.93 17.41
CA ASN A 71 0.19 16.25 17.00
C ASN A 71 1.66 16.31 16.54
N GLY A 72 2.24 15.18 16.16
CA GLY A 72 3.62 15.14 15.68
C GLY A 72 3.84 16.09 14.52
N SER A 73 4.94 16.83 14.54
CA SER A 73 5.28 17.84 13.53
C SER A 73 5.11 17.35 12.07
N ASN A 74 5.38 16.08 11.79
CA ASN A 74 5.21 15.51 10.46
C ASN A 74 3.74 15.42 10.08
N PHE A 75 2.86 15.15 11.05
CA PHE A 75 1.42 14.99 10.84
C PHE A 75 0.69 16.31 10.78
N THR A 76 1.18 17.34 11.46
CA THR A 76 0.59 18.68 11.47
C THR A 76 1.25 19.61 10.41
N SER A 77 2.05 19.07 9.49
CA SER A 77 2.76 19.87 8.52
C SER A 77 1.86 20.32 7.39
N THR A 78 2.28 21.39 6.68
CA THR A 78 1.55 21.95 5.55
C THR A 78 1.40 20.97 4.40
N THR A 79 2.42 20.18 4.15
CA THR A 79 2.52 19.23 3.07
C THR A 79 1.56 18.04 3.29
N VAL A 80 1.31 17.64 4.57
CA VAL A 80 0.34 16.59 4.88
C VAL A 80 -1.09 17.15 4.75
N LYS A 81 -1.29 18.39 5.20
CA LYS A 81 -2.57 19.09 5.09
C LYS A 81 -2.94 19.23 3.61
N ALA A 82 -1.95 19.53 2.74
CA ALA A 82 -2.16 19.68 1.30
C ALA A 82 -2.51 18.34 0.66
N ALA A 83 -1.89 17.25 1.08
CA ALA A 83 -2.20 15.93 0.53
C ALA A 83 -3.60 15.45 0.96
N CYS A 84 -3.93 15.60 2.26
CA CYS A 84 -5.23 15.22 2.82
C CYS A 84 -6.30 16.05 2.18
N GLU A 85 -6.06 17.36 1.98
CA GLU A 85 -7.04 18.24 1.36
C GLU A 85 -7.25 17.93 -0.08
N TRP A 86 -6.19 17.63 -0.80
CA TRP A 86 -6.27 17.30 -2.22
C TRP A 86 -7.07 16.01 -2.42
N ALA A 87 -6.73 14.95 -1.65
CA ALA A 87 -7.40 13.66 -1.71
C ALA A 87 -8.79 13.61 -1.07
N GLY A 88 -9.22 14.69 -0.40
CA GLY A 88 -10.54 14.77 0.23
C GLY A 88 -10.68 14.03 1.56
N ILE A 89 -9.59 13.95 2.33
CA ILE A 89 -9.53 13.27 3.62
C ILE A 89 -9.62 14.27 4.78
N LYS A 90 -10.34 13.89 5.85
CA LYS A 90 -10.41 14.70 7.06
C LYS A 90 -9.28 14.30 8.04
N GLN A 91 -8.58 15.27 8.67
CA GLN A 91 -7.54 14.95 9.65
C GLN A 91 -8.05 15.21 11.08
N GLU A 92 -7.83 14.28 12.03
CA GLU A 92 -8.20 14.49 13.42
C GLU A 92 -6.95 14.32 14.25
N PHE A 93 -6.62 15.32 15.04
CA PHE A 93 -5.43 15.31 15.86
C PHE A 93 -5.80 15.00 17.28
N GLY A 94 -5.00 14.15 17.90
CA GLY A 94 -5.17 13.81 19.31
C GLY A 94 -3.85 13.71 20.03
N ILE A 95 -3.90 13.38 21.32
CA ILE A 95 -2.70 13.18 22.11
C ILE A 95 -2.02 11.85 21.65
N PRO A 96 -0.66 11.77 21.63
CA PRO A 96 -0.02 10.48 21.31
C PRO A 96 -0.52 9.39 22.26
N TYR A 97 -0.84 8.19 21.71
CA TYR A 97 -1.34 7.00 22.40
C TYR A 97 -2.70 7.17 23.09
N ASN A 98 -3.50 8.25 22.79
CA ASN A 98 -4.81 8.43 23.46
C ASN A 98 -5.74 7.24 23.18
N PRO A 99 -6.56 6.82 24.16
CA PRO A 99 -7.37 5.61 23.96
C PRO A 99 -8.47 5.66 22.88
N GLN A 100 -9.04 6.84 22.57
CA GLN A 100 -10.12 6.92 21.56
C GLN A 100 -9.65 6.97 20.10
N SER A 101 -8.54 7.65 19.83
CA SER A 101 -8.09 7.84 18.45
C SER A 101 -6.66 7.39 18.18
N GLN A 102 -5.93 6.87 19.17
CA GLN A 102 -4.55 6.39 18.93
C GLN A 102 -4.23 5.02 19.57
N GLY A 103 -5.24 4.37 20.16
CA GLY A 103 -5.10 3.11 20.87
C GLY A 103 -5.08 1.89 19.97
N VAL A 104 -5.73 1.97 18.80
CA VAL A 104 -5.73 0.84 17.88
C VAL A 104 -4.36 0.76 17.20
N ILE A 105 -3.81 1.91 16.78
CA ILE A 105 -2.48 1.95 16.16
C ILE A 105 -1.36 1.63 17.20
N GLU A 106 -1.61 1.91 18.49
CA GLU A 106 -0.64 1.60 19.54
C GLU A 106 -0.48 0.08 19.64
N SER A 107 -1.60 -0.64 19.63
CA SER A 107 -1.60 -2.10 19.73
C SER A 107 -1.05 -2.76 18.48
N MET A 108 -1.32 -2.15 17.31
CA MET A 108 -0.81 -2.67 16.06
C MET A 108 0.69 -2.47 15.97
N ASN A 109 1.22 -1.37 16.50
CA ASN A 109 2.67 -1.14 16.49
C ASN A 109 3.40 -2.12 17.40
N LYS A 110 2.76 -2.46 18.54
CA LYS A 110 3.33 -3.40 19.49
C LYS A 110 3.32 -4.79 18.89
N GLU A 111 2.25 -5.17 18.18
CA GLU A 111 2.18 -6.48 17.56
C GLU A 111 3.13 -6.59 16.35
N LEU A 112 3.27 -5.49 15.60
CA LEU A 112 4.12 -5.39 14.43
C LEU A 112 5.57 -5.54 14.85
N LYS A 113 5.98 -4.90 15.96
CA LYS A 113 7.35 -5.03 16.47
C LYS A 113 7.68 -6.46 16.93
N LYS A 114 6.67 -7.18 17.44
CA LYS A 114 6.80 -8.56 17.91
C LYS A 114 7.03 -9.49 16.71
N ILE A 115 6.33 -9.26 15.60
CA ILE A 115 6.48 -10.08 14.39
C ILE A 115 7.80 -9.76 13.71
N ILE A 116 8.23 -8.49 13.67
CA ILE A 116 9.50 -8.11 13.05
C ILE A 116 10.65 -8.78 13.77
N GLY A 117 10.60 -8.85 15.10
CA GLY A 117 11.61 -9.50 15.91
C GLY A 117 11.73 -10.98 15.64
N GLN A 118 10.62 -11.63 15.27
CA GLN A 118 10.61 -13.06 14.97
C GLN A 118 11.29 -13.35 13.60
N VAL A 119 11.03 -12.49 12.60
CA VAL A 119 11.50 -12.66 11.23
C VAL A 119 12.78 -11.89 10.89
N ARG A 120 13.24 -10.99 11.74
CA ARG A 120 14.42 -10.14 11.50
C ARG A 120 15.63 -10.91 10.97
N ASP A 121 15.88 -12.13 11.49
CA ASP A 121 16.98 -12.99 11.08
C ASP A 121 16.89 -13.38 9.60
N GLN A 122 15.68 -13.55 9.09
CA GLN A 122 15.38 -13.98 7.74
C GLN A 122 15.67 -12.93 6.66
N ALA A 123 15.76 -11.66 7.03
CA ALA A 123 16.05 -10.61 6.06
C ALA A 123 17.24 -9.73 6.46
N GLU A 124 17.93 -9.18 5.48
CA GLU A 124 19.08 -8.30 5.66
C GLU A 124 18.63 -6.91 6.11
N HIS A 125 17.69 -6.30 5.38
CA HIS A 125 17.22 -4.95 5.68
C HIS A 125 15.99 -4.96 6.56
N LEU A 126 15.86 -3.94 7.40
CA LEU A 126 14.71 -3.80 8.29
C LEU A 126 13.43 -3.66 7.48
N LYS A 127 13.42 -2.80 6.46
CA LYS A 127 12.23 -2.58 5.64
C LYS A 127 11.61 -3.87 5.08
N THR A 128 12.48 -4.82 4.69
CA THR A 128 12.04 -6.12 4.18
C THR A 128 11.32 -6.88 5.28
N ALA A 129 11.91 -6.92 6.50
CA ALA A 129 11.32 -7.59 7.68
C ALA A 129 10.00 -6.94 8.08
N VAL A 130 9.89 -5.61 7.93
CA VAL A 130 8.69 -4.83 8.20
C VAL A 130 7.60 -5.32 7.22
N GLN A 131 7.92 -5.42 5.92
CA GLN A 131 6.92 -5.87 4.93
C GLN A 131 6.54 -7.33 5.09
N MET A 132 7.48 -8.16 5.55
CA MET A 132 7.20 -9.56 5.86
C MET A 132 6.24 -9.62 7.06
N ALA A 133 6.42 -8.74 8.05
CA ALA A 133 5.57 -8.68 9.23
C ALA A 133 4.18 -8.12 8.92
N VAL A 134 4.07 -7.21 7.95
CA VAL A 134 2.79 -6.68 7.51
C VAL A 134 2.00 -7.81 6.86
N PHE A 135 2.67 -8.62 6.02
CA PHE A 135 2.05 -9.77 5.34
C PHE A 135 1.54 -10.76 6.38
N ILE A 136 2.38 -11.11 7.34
CA ILE A 136 2.02 -12.03 8.40
C ILE A 136 0.84 -11.50 9.22
N HIS A 137 0.86 -10.22 9.59
CA HIS A 137 -0.26 -9.65 10.33
C HIS A 137 -1.60 -9.71 9.54
N ASN A 138 -1.61 -9.15 8.32
CA ASN A 138 -2.80 -9.09 7.47
C ASN A 138 -3.33 -10.44 7.02
N LYS A 139 -2.51 -11.51 7.01
CA LYS A 139 -2.95 -12.83 6.59
C LYS A 139 -3.31 -13.75 7.78
N LYS A 140 -2.95 -13.38 9.04
CA LYS A 140 -3.20 -14.21 10.23
C LYS A 140 -4.70 -14.43 10.46
N ARG A 141 -5.17 -15.64 10.79
CA ARG A 141 -6.62 -15.88 10.96
C ARG A 141 -7.10 -15.74 12.42
N LYS A 142 -8.10 -14.85 12.65
CA LYS A 142 -8.66 -14.61 13.98
C LYS A 142 -10.10 -15.18 14.20
N GLY A 143 -10.36 -15.69 15.41
CA GLY A 143 -11.66 -16.21 15.79
C GLY A 143 -12.01 -17.56 15.22
N GLY A 144 -11.45 -18.62 15.79
CA GLY A 144 -11.74 -19.97 15.36
C GLY A 144 -11.06 -20.36 14.06
N ILE A 145 -11.07 -21.67 13.74
CA ILE A 145 -10.43 -22.15 12.52
C ILE A 145 -10.89 -21.39 11.24
N GLY A 146 -12.20 -21.40 10.97
CA GLY A 146 -12.80 -20.72 9.82
C GLY A 146 -12.91 -19.22 9.91
N GLY A 147 -12.23 -18.61 10.87
CA GLY A 147 -12.20 -17.17 11.05
C GLY A 147 -11.49 -16.47 9.91
N TYR A 148 -11.76 -15.16 9.74
CA TYR A 148 -11.18 -14.37 8.65
C TYR A 148 -9.92 -13.61 9.08
N SER A 149 -9.12 -13.14 8.11
CA SER A 149 -7.91 -12.37 8.38
C SER A 149 -8.17 -10.87 8.20
N ALA A 150 -7.25 -9.99 8.65
CA ALA A 150 -7.45 -8.54 8.50
C ALA A 150 -7.58 -8.16 7.04
N GLY A 151 -6.75 -8.74 6.18
CA GLY A 151 -6.81 -8.51 4.75
C GLY A 151 -8.13 -8.88 4.13
N GLU A 152 -8.80 -9.90 4.68
CA GLU A 152 -10.13 -10.33 4.22
C GLU A 152 -11.22 -9.42 4.83
N ARG A 153 -11.05 -9.03 6.11
CA ARG A 153 -11.98 -8.16 6.81
C ARG A 153 -12.07 -6.77 6.17
N ILE A 154 -10.94 -6.14 5.77
CA ILE A 154 -10.98 -4.78 5.16
C ILE A 154 -11.78 -4.77 3.86
N VAL A 155 -11.46 -5.70 2.98
CA VAL A 155 -12.09 -5.85 1.68
C VAL A 155 -13.59 -6.15 1.81
N ASP A 156 -14.00 -6.86 2.88
CA ASP A 156 -15.41 -7.16 3.09
C ASP A 156 -16.13 -5.98 3.68
N ILE A 157 -15.52 -5.29 4.67
CA ILE A 157 -16.10 -4.11 5.31
C ILE A 157 -16.38 -3.03 4.26
N ILE A 158 -15.40 -2.75 3.40
CA ILE A 158 -15.52 -1.73 2.38
C ILE A 158 -16.49 -2.13 1.27
N ALA A 159 -16.47 -3.41 0.86
CA ALA A 159 -17.40 -3.87 -0.17
C ALA A 159 -18.85 -3.80 0.33
N THR A 160 -19.09 -4.23 1.57
CA THR A 160 -20.45 -4.19 2.13
C THR A 160 -20.88 -2.73 2.48
N ASP A 161 -19.91 -1.82 2.68
CA ASP A 161 -20.20 -0.41 2.90
C ASP A 161 -20.71 0.19 1.60
N ILE A 162 -20.03 -0.13 0.47
CA ILE A 162 -20.43 0.34 -0.86
C ILE A 162 -21.79 -0.26 -1.18
N GLN A 163 -21.91 -1.59 -1.13
CA GLN A 163 -23.17 -2.31 -1.37
C GLN A 163 -24.18 -2.09 -0.20
N SER B 11 -8.41 -15.50 -11.75
CA SER B 11 -8.81 -14.13 -12.11
C SER B 11 -8.78 -13.15 -10.95
N PRO B 12 -9.39 -13.47 -9.77
CA PRO B 12 -9.30 -12.51 -8.66
C PRO B 12 -7.86 -12.29 -8.19
N GLY B 13 -6.97 -13.25 -8.40
CA GLY B 13 -5.57 -13.11 -7.97
C GLY B 13 -4.57 -12.88 -9.09
N ILE B 14 -5.02 -12.47 -10.30
CA ILE B 14 -4.10 -12.28 -11.42
C ILE B 14 -3.60 -10.84 -11.55
N TRP B 15 -2.28 -10.66 -11.62
CA TRP B 15 -1.69 -9.34 -11.70
C TRP B 15 -0.67 -9.24 -12.83
N GLN B 16 -0.44 -8.03 -13.34
CA GLN B 16 0.55 -7.80 -14.40
C GLN B 16 1.50 -6.70 -13.98
N LEU B 17 2.78 -6.90 -14.22
CA LEU B 17 3.79 -5.92 -13.81
C LEU B 17 4.69 -5.58 -14.97
N ASP B 18 5.08 -4.31 -15.07
CA ASP B 18 6.01 -3.83 -16.10
C ASP B 18 6.63 -2.49 -15.67
N CYS B 19 7.75 -2.12 -16.29
CA CYS B 19 8.42 -0.87 -15.97
C CYS B 19 8.26 0.13 -17.10
N THR B 20 7.84 1.34 -16.76
CA THR B 20 7.78 2.41 -17.75
C THR B 20 8.82 3.48 -17.35
N HIS B 21 9.10 4.44 -18.25
CA HIS B 21 10.12 5.45 -17.99
C HIS B 21 9.70 6.86 -18.32
N LEU B 22 10.06 7.78 -17.43
CA LEU B 22 9.79 9.21 -17.58
C LEU B 22 10.90 9.97 -16.88
N GLU B 23 11.44 11.02 -17.50
CA GLU B 23 12.49 11.88 -16.93
C GLU B 23 13.71 11.13 -16.40
N GLY B 24 14.11 10.08 -17.12
CA GLY B 24 15.24 9.23 -16.75
C GLY B 24 15.01 8.40 -15.51
N LYS B 25 13.73 8.27 -15.06
CA LYS B 25 13.33 7.54 -13.88
C LYS B 25 12.52 6.30 -14.20
N VAL B 26 12.55 5.33 -13.30
CA VAL B 26 11.89 4.04 -13.46
C VAL B 26 10.58 3.99 -12.71
N ILE B 27 9.49 3.62 -13.40
CA ILE B 27 8.19 3.47 -12.74
C ILE B 27 7.69 2.02 -12.82
N LEU B 28 7.71 1.30 -11.70
CA LEU B 28 7.22 -0.08 -11.58
C LEU B 28 5.71 0.00 -11.39
N VAL B 29 4.95 -0.55 -12.32
CA VAL B 29 3.50 -0.48 -12.28
C VAL B 29 2.89 -1.88 -12.25
N ALA B 30 1.95 -2.08 -11.31
CA ALA B 30 1.16 -3.30 -11.16
C ALA B 30 -0.27 -3.00 -11.57
N VAL B 31 -0.95 -4.00 -12.17
CA VAL B 31 -2.35 -3.88 -12.61
C VAL B 31 -3.10 -5.12 -12.23
N HIS B 32 -4.14 -5.00 -11.44
CA HIS B 32 -5.02 -6.13 -11.15
C HIS B 32 -5.90 -6.29 -12.42
N VAL B 33 -5.46 -7.16 -13.34
CA VAL B 33 -6.10 -7.43 -14.64
C VAL B 33 -7.63 -7.34 -14.64
N ALA B 34 -8.31 -8.11 -13.78
CA ALA B 34 -9.78 -8.20 -13.76
C ALA B 34 -10.54 -6.89 -13.42
N SER B 35 -9.92 -5.94 -12.72
CA SER B 35 -10.58 -4.69 -12.33
C SER B 35 -9.98 -3.43 -12.91
N GLY B 36 -8.75 -3.48 -13.38
CA GLY B 36 -8.06 -2.29 -13.88
C GLY B 36 -7.41 -1.45 -12.79
N TYR B 37 -7.41 -1.95 -11.54
CA TYR B 37 -6.82 -1.26 -10.40
C TYR B 37 -5.31 -1.26 -10.57
N ILE B 38 -4.65 -0.13 -10.27
CA ILE B 38 -3.21 -0.05 -10.40
C ILE B 38 -2.51 0.43 -9.12
N GLU B 39 -1.25 0.02 -8.96
CA GLU B 39 -0.32 0.47 -7.93
C GLU B 39 0.95 0.78 -8.68
N ALA B 40 1.58 1.90 -8.36
CA ALA B 40 2.81 2.29 -9.02
C ALA B 40 3.82 2.83 -8.02
N GLU B 41 5.10 2.73 -8.37
CA GLU B 41 6.14 3.22 -7.51
C GLU B 41 7.31 3.65 -8.35
N VAL B 42 7.97 4.75 -7.95
CA VAL B 42 9.18 5.18 -8.64
C VAL B 42 10.33 4.47 -7.92
N ILE B 43 11.10 3.65 -8.66
CA ILE B 43 12.19 2.91 -8.07
C ILE B 43 13.53 3.48 -8.54
N PRO B 44 14.53 3.57 -7.63
CA PRO B 44 15.82 4.20 -8.00
C PRO B 44 16.58 3.48 -9.11
N ALA B 45 16.40 2.16 -9.19
CA ALA B 45 17.06 1.35 -10.18
C ALA B 45 16.09 0.27 -10.70
N GLU B 46 16.26 -0.19 -11.94
CA GLU B 46 15.38 -1.21 -12.52
C GLU B 46 15.97 -2.59 -12.22
N THR B 47 15.97 -2.96 -10.93
CA THR B 47 16.64 -4.17 -10.45
C THR B 47 15.68 -5.12 -9.73
N GLY B 48 16.11 -6.37 -9.55
CA GLY B 48 15.38 -7.39 -8.82
C GLY B 48 15.07 -6.96 -7.40
N GLN B 49 16.05 -6.37 -6.69
CA GLN B 49 15.86 -5.92 -5.29
C GLN B 49 14.68 -4.99 -5.13
N GLU B 50 14.56 -3.97 -6.00
CA GLU B 50 13.46 -3.02 -5.95
C GLU B 50 12.14 -3.62 -6.34
N THR B 51 12.15 -4.52 -7.29
CA THR B 51 10.95 -5.21 -7.76
C THR B 51 10.42 -6.20 -6.72
N ALA B 52 11.33 -6.90 -6.01
CA ALA B 52 10.98 -7.87 -4.97
C ALA B 52 10.40 -7.13 -3.75
N TYR B 53 10.94 -5.96 -3.40
CA TYR B 53 10.42 -5.19 -2.28
C TYR B 53 9.02 -4.69 -2.60
N PHE B 54 8.82 -4.22 -3.85
CA PHE B 54 7.51 -3.78 -4.32
C PHE B 54 6.50 -4.94 -4.25
N LEU B 55 6.88 -6.14 -4.73
CA LEU B 55 6.06 -7.35 -4.71
C LEU B 55 5.70 -7.76 -3.29
N LEU B 56 6.68 -7.73 -2.33
CA LEU B 56 6.43 -7.99 -0.91
C LEU B 56 5.32 -7.05 -0.37
N LYS B 57 5.31 -5.76 -0.79
CA LYS B 57 4.29 -4.79 -0.34
C LYS B 57 2.91 -5.11 -0.93
N LEU B 58 2.87 -5.39 -2.24
CA LEU B 58 1.65 -5.73 -2.93
C LEU B 58 1.05 -7.02 -2.35
N ALA B 59 1.86 -8.04 -2.13
CA ALA B 59 1.42 -9.31 -1.56
C ALA B 59 0.80 -9.17 -0.16
N GLY B 60 1.19 -8.16 0.60
CA GLY B 60 0.66 -7.94 1.93
C GLY B 60 -0.74 -7.35 1.97
N ARG B 61 -1.24 -6.76 0.86
CA ARG B 61 -2.58 -6.16 0.84
C ARG B 61 -3.62 -6.98 0.12
N TRP B 62 -3.22 -7.56 -1.00
CA TRP B 62 -4.15 -8.29 -1.86
C TRP B 62 -3.82 -9.76 -1.89
N PRO B 63 -4.82 -10.63 -2.08
CA PRO B 63 -4.50 -12.06 -2.24
C PRO B 63 -3.95 -12.33 -3.64
N VAL B 64 -2.65 -12.04 -3.89
CA VAL B 64 -1.98 -12.25 -5.17
C VAL B 64 -1.64 -13.73 -5.41
N LYS B 65 -2.27 -14.34 -6.42
CA LYS B 65 -2.00 -15.74 -6.74
C LYS B 65 -1.02 -15.86 -7.93
N THR B 66 -1.10 -14.93 -8.90
CA THR B 66 -0.20 -14.98 -10.07
C THR B 66 0.27 -13.58 -10.50
N VAL B 67 1.53 -13.49 -10.87
CA VAL B 67 2.13 -12.28 -11.37
C VAL B 67 2.65 -12.57 -12.78
N HIS B 68 2.14 -11.85 -13.78
CA HIS B 68 2.52 -11.98 -15.17
C HIS B 68 3.44 -10.84 -15.49
N THR B 69 4.56 -11.12 -16.12
CA THR B 69 5.55 -10.11 -16.44
C THR B 69 6.17 -10.41 -17.80
N ASP B 70 7.04 -9.51 -18.30
CA ASP B 70 7.84 -9.80 -19.49
C ASP B 70 9.17 -10.49 -18.97
N ASN B 71 10.18 -10.70 -19.88
CA ASN B 71 11.47 -11.33 -19.59
C ASN B 71 12.53 -10.39 -19.05
N GLY B 72 12.14 -9.20 -18.58
CA GLY B 72 13.09 -8.22 -18.06
C GLY B 72 13.91 -8.77 -16.93
N SER B 73 15.22 -8.53 -16.95
CA SER B 73 16.17 -9.06 -15.98
C SER B 73 15.74 -8.83 -14.52
N ASN B 74 15.05 -7.72 -14.22
CA ASN B 74 14.58 -7.45 -12.86
C ASN B 74 13.46 -8.42 -12.46
N PHE B 75 12.62 -8.83 -13.43
CA PHE B 75 11.48 -9.73 -13.21
C PHE B 75 11.85 -11.19 -13.16
N THR B 76 12.92 -11.57 -13.88
CA THR B 76 13.43 -12.94 -13.92
C THR B 76 14.56 -13.16 -12.91
N SER B 77 14.77 -12.25 -11.97
CA SER B 77 15.87 -12.34 -11.01
C SER B 77 15.56 -13.35 -9.90
N THR B 78 16.62 -13.87 -9.28
CA THR B 78 16.55 -14.81 -8.16
C THR B 78 15.89 -14.17 -6.93
N THR B 79 16.10 -12.87 -6.74
CA THR B 79 15.54 -12.17 -5.61
C THR B 79 14.01 -12.10 -5.72
N VAL B 80 13.47 -11.80 -6.92
CA VAL B 80 12.03 -11.73 -7.19
C VAL B 80 11.41 -13.12 -7.01
N LYS B 81 12.10 -14.15 -7.48
CA LYS B 81 11.68 -15.54 -7.31
C LYS B 81 11.59 -15.90 -5.82
N ALA B 82 12.56 -15.42 -5.02
CA ALA B 82 12.59 -15.66 -3.58
C ALA B 82 11.43 -14.96 -2.85
N ALA B 83 11.06 -13.76 -3.30
CA ALA B 83 9.93 -13.04 -2.72
C ALA B 83 8.62 -13.74 -3.10
N CYS B 84 8.48 -14.19 -4.37
CA CYS B 84 7.27 -14.88 -4.82
C CYS B 84 7.12 -16.23 -4.15
N GLU B 85 8.24 -16.94 -3.99
CA GLU B 85 8.24 -18.25 -3.34
C GLU B 85 7.81 -18.07 -1.86
N TRP B 86 8.36 -17.04 -1.20
CA TRP B 86 8.04 -16.81 0.20
C TRP B 86 6.55 -16.46 0.36
N ALA B 87 6.07 -15.48 -0.43
CA ALA B 87 4.68 -15.04 -0.40
C ALA B 87 3.66 -16.00 -1.00
N GLY B 88 4.11 -17.07 -1.65
CA GLY B 88 3.24 -18.06 -2.28
C GLY B 88 2.64 -17.64 -3.60
N ILE B 89 3.33 -16.81 -4.38
CA ILE B 89 2.87 -16.29 -5.67
C ILE B 89 3.51 -17.06 -6.83
N LYS B 90 2.70 -17.34 -7.89
CA LYS B 90 3.17 -17.99 -9.11
C LYS B 90 3.64 -16.93 -10.13
N GLN B 91 4.79 -17.13 -10.80
CA GLN B 91 5.27 -16.17 -11.80
C GLN B 91 5.06 -16.70 -13.23
N GLU B 92 4.53 -15.86 -14.15
CA GLU B 92 4.40 -16.24 -15.55
C GLU B 92 5.14 -15.24 -16.42
N PHE B 93 5.87 -15.71 -17.42
CA PHE B 93 6.67 -14.87 -18.30
C PHE B 93 6.27 -14.97 -19.75
N GLY B 94 5.93 -13.82 -20.32
CA GLY B 94 5.47 -13.72 -21.69
C GLY B 94 4.10 -14.34 -21.76
N ILE B 95 4.03 -15.53 -22.40
CA ILE B 95 2.91 -16.45 -22.70
C ILE B 95 2.20 -16.04 -23.99
N GLY B 103 -1.91 -7.52 -23.10
CA GLY B 103 -1.41 -6.15 -23.02
C GLY B 103 -2.24 -5.24 -22.13
N VAL B 104 -2.64 -5.74 -20.96
CA VAL B 104 -3.42 -4.94 -20.03
C VAL B 104 -2.51 -3.91 -19.37
N ILE B 105 -1.30 -4.32 -18.97
CA ILE B 105 -0.34 -3.41 -18.35
C ILE B 105 0.22 -2.40 -19.36
N GLU B 106 0.27 -2.75 -20.66
CA GLU B 106 0.77 -1.80 -21.65
C GLU B 106 -0.25 -0.68 -21.94
N SER B 107 -1.55 -0.97 -21.81
CA SER B 107 -2.59 0.05 -21.94
C SER B 107 -2.65 0.92 -20.66
N MET B 108 -2.41 0.31 -19.49
CA MET B 108 -2.41 1.05 -18.24
C MET B 108 -1.22 1.97 -18.17
N ASN B 109 -0.05 1.56 -18.72
CA ASN B 109 1.15 2.40 -18.72
C ASN B 109 1.01 3.60 -19.67
N LYS B 110 0.23 3.45 -20.74
CA LYS B 110 -0.06 4.51 -21.69
C LYS B 110 -1.06 5.48 -21.09
N GLU B 111 -2.08 4.97 -20.37
CA GLU B 111 -3.07 5.84 -19.73
C GLU B 111 -2.48 6.59 -18.55
N LEU B 112 -1.59 5.94 -17.80
CA LEU B 112 -0.92 6.49 -16.64
C LEU B 112 -0.03 7.65 -17.08
N LYS B 113 0.69 7.50 -18.19
CA LYS B 113 1.55 8.58 -18.70
C LYS B 113 0.74 9.79 -19.16
N LYS B 114 -0.50 9.57 -19.66
CA LYS B 114 -1.41 10.61 -20.12
C LYS B 114 -1.91 11.44 -18.93
N ILE B 115 -2.22 10.76 -17.80
CA ILE B 115 -2.68 11.45 -16.60
C ILE B 115 -1.54 12.19 -15.93
N ILE B 116 -0.33 11.61 -15.91
CA ILE B 116 0.83 12.26 -15.31
C ILE B 116 1.15 13.56 -16.03
N GLY B 117 1.06 13.54 -17.37
CA GLY B 117 1.29 14.72 -18.19
C GLY B 117 0.31 15.84 -17.92
N GLN B 118 -0.92 15.50 -17.53
CA GLN B 118 -1.94 16.50 -17.22
C GLN B 118 -1.63 17.20 -15.88
N VAL B 119 -1.20 16.42 -14.87
CA VAL B 119 -0.97 16.91 -13.51
C VAL B 119 0.47 17.29 -13.19
N ARG B 120 1.45 16.93 -14.03
CA ARG B 120 2.88 17.17 -13.81
C ARG B 120 3.21 18.60 -13.34
N ASP B 121 2.52 19.61 -13.88
CA ASP B 121 2.70 21.03 -13.52
C ASP B 121 2.37 21.29 -12.04
N GLN B 122 1.39 20.55 -11.50
CA GLN B 122 0.89 20.70 -10.14
C GLN B 122 1.83 20.20 -9.06
N ALA B 123 2.79 19.33 -9.40
CA ALA B 123 3.73 18.81 -8.41
C ALA B 123 5.20 19.02 -8.84
N GLU B 124 6.09 19.14 -7.85
CA GLU B 124 7.52 19.30 -8.06
C GLU B 124 8.17 17.94 -8.43
N HIS B 125 7.91 16.88 -7.64
CA HIS B 125 8.52 15.57 -7.89
C HIS B 125 7.67 14.70 -8.79
N LEU B 126 8.31 13.91 -9.68
CA LEU B 126 7.62 13.01 -10.61
C LEU B 126 6.83 11.97 -9.82
N LYS B 127 7.43 11.37 -8.78
CA LYS B 127 6.76 10.37 -7.95
C LYS B 127 5.43 10.85 -7.39
N THR B 128 5.34 12.13 -7.00
CA THR B 128 4.12 12.73 -6.48
C THR B 128 3.07 12.74 -7.58
N ALA B 129 3.44 13.20 -8.81
CA ALA B 129 2.54 13.23 -9.96
C ALA B 129 2.08 11.84 -10.36
N VAL B 130 2.96 10.81 -10.22
CA VAL B 130 2.66 9.40 -10.46
C VAL B 130 1.56 8.99 -9.47
N GLN B 131 1.73 9.29 -8.16
CA GLN B 131 0.72 8.90 -7.16
C GLN B 131 -0.56 9.64 -7.31
N MET B 132 -0.52 10.90 -7.78
CA MET B 132 -1.73 11.69 -8.08
C MET B 132 -2.45 11.03 -9.25
N ALA B 133 -1.71 10.53 -10.26
CA ALA B 133 -2.27 9.86 -11.44
C ALA B 133 -2.85 8.49 -11.10
N VAL B 134 -2.25 7.79 -10.14
CA VAL B 134 -2.76 6.49 -9.70
C VAL B 134 -4.10 6.72 -9.00
N PHE B 135 -4.21 7.76 -8.15
CA PHE B 135 -5.43 8.13 -7.46
C PHE B 135 -6.53 8.44 -8.48
N ILE B 136 -6.21 9.31 -9.47
CA ILE B 136 -7.16 9.69 -10.50
C ILE B 136 -7.61 8.46 -11.30
N HIS B 137 -6.69 7.58 -11.70
CA HIS B 137 -7.07 6.37 -12.42
C HIS B 137 -8.02 5.47 -11.61
N ASN B 138 -7.61 5.06 -10.40
CA ASN B 138 -8.38 4.16 -9.53
C ASN B 138 -9.71 4.71 -9.05
N LYS B 139 -9.88 6.04 -9.02
CA LYS B 139 -11.15 6.64 -8.56
C LYS B 139 -12.08 7.04 -9.71
N LYS B 140 -11.60 7.04 -10.98
CA LYS B 140 -12.32 7.50 -12.16
C LYS B 140 -13.77 7.14 -12.21
N ARG B 141 -14.23 5.88 -12.04
CA ARG B 141 -15.71 5.62 -12.05
C ARG B 141 -16.42 6.05 -13.35
N TYR B 148 -19.02 1.90 -11.65
CA TYR B 148 -18.03 1.75 -10.59
C TYR B 148 -16.61 2.14 -11.04
N SER B 149 -15.70 2.41 -10.08
CA SER B 149 -14.31 2.77 -10.38
C SER B 149 -13.42 1.53 -10.22
N ALA B 150 -12.17 1.59 -10.73
CA ALA B 150 -11.18 0.48 -10.61
C ALA B 150 -10.92 0.08 -9.15
N GLY B 151 -10.92 1.06 -8.24
CA GLY B 151 -10.75 0.85 -6.81
C GLY B 151 -11.95 0.16 -6.17
N GLU B 152 -13.14 0.40 -6.70
CA GLU B 152 -14.36 -0.25 -6.22
C GLU B 152 -14.50 -1.67 -6.83
N ARG B 153 -14.10 -1.83 -8.09
CA ARG B 153 -14.14 -3.12 -8.77
C ARG B 153 -13.22 -4.17 -8.12
N ILE B 154 -11.98 -3.80 -7.74
CA ILE B 154 -11.04 -4.76 -7.12
C ILE B 154 -11.56 -5.30 -5.78
N VAL B 155 -12.00 -4.40 -4.92
CA VAL B 155 -12.54 -4.71 -3.60
C VAL B 155 -13.81 -5.57 -3.71
N ASP B 156 -14.61 -5.39 -4.78
CA ASP B 156 -15.81 -6.19 -4.96
C ASP B 156 -15.47 -7.56 -5.51
N ILE B 157 -14.56 -7.64 -6.49
CA ILE B 157 -14.11 -8.90 -7.08
C ILE B 157 -13.53 -9.83 -5.99
N ILE B 158 -12.65 -9.28 -5.14
CA ILE B 158 -12.01 -10.04 -4.07
C ILE B 158 -12.98 -10.39 -2.95
N ALA B 159 -13.89 -9.48 -2.58
CA ALA B 159 -14.87 -9.78 -1.54
C ALA B 159 -15.83 -10.88 -2.00
N THR B 160 -16.31 -10.82 -3.26
CA THR B 160 -17.21 -11.85 -3.77
C THR B 160 -16.46 -13.17 -4.05
N ASP B 161 -15.13 -13.12 -4.24
CA ASP B 161 -14.32 -14.33 -4.41
C ASP B 161 -14.24 -15.05 -3.06
N ILE B 162 -14.02 -14.29 -1.97
CA ILE B 162 -13.97 -14.83 -0.62
C ILE B 162 -15.35 -15.36 -0.24
MG MG C . 3.50 9.17 17.85
C13 GE7 D . 18.91 -12.53 -2.49
C18 GE7 D . 16.09 -8.82 0.76
C17 GE7 D . 16.84 -9.84 -0.06
C16 GE7 D . 18.09 -9.54 -0.64
C19 GE7 D . 16.52 -8.84 2.20
C23 GE7 D . 14.86 -7.21 -0.84
C24 GE7 D . 15.10 -5.71 -1.06
C11 GE7 D . 17.21 -14.17 -2.22
C12 GE7 D . 18.41 -13.80 -2.78
C27 GE7 D . 18.76 -8.20 -0.40
C1 GE7 D . 11.07 -12.59 1.78
C2 GE7 D . 12.43 -12.21 1.25
C3 GE7 D . 12.55 -11.73 -0.04
C4 GE7 D . 13.80 -11.37 -0.53
C5 GE7 D . 14.95 -11.49 0.25
C6 GE7 D . 14.82 -12.00 1.54
C7 GE7 D . 13.57 -12.34 2.03
C8 GE7 D . 16.31 -11.11 -0.28
C9 GE7 D . 16.98 -12.00 -1.12
C10 GE7 D . 16.50 -13.28 -1.40
C14 GE7 D . 18.21 -11.65 -1.68
N15 GE7 D . 18.71 -10.42 -1.43
O20 GE7 D . 16.50 -7.84 2.87
O21 GE7 D . 16.96 -9.98 2.73
O22 GE7 D . 15.76 -7.53 0.24
C25 GE7 D . 15.17 -7.84 -2.20
C26 GE7 D . 13.36 -7.33 -0.52
MG MG E . 9.72 -4.03 -20.46
C13 GE7 F . 4.40 22.34 -0.55
C18 GE7 F . 5.17 17.38 -3.21
C17 GE7 F . 4.91 18.68 -2.49
C16 GE7 F . 5.97 19.48 -2.08
C19 GE7 F . 5.48 17.57 -4.67
C23 GE7 F . 5.14 15.56 -1.49
C24 GE7 F . 6.18 14.47 -1.23
C11 GE7 F . 2.01 22.09 -0.62
C12 GE7 F . 3.12 22.84 -0.28
C27 GE7 F . 7.39 19.07 -2.40
C1 GE7 F . -1.13 16.11 -3.83
C2 GE7 F . 0.11 16.88 -3.41
C3 GE7 F . 0.45 16.96 -2.05
C4 GE7 F . 1.58 17.67 -1.67
C5 GE7 F . 2.39 18.31 -2.61
C6 GE7 F . 2.06 18.20 -3.96
C7 GE7 F . 0.95 17.46 -4.35
C8 GE7 F . 3.60 19.11 -2.19
C9 GE7 F . 3.43 20.34 -1.55
C10 GE7 F . 2.16 20.86 -1.27
C14 GE7 F . 4.54 21.10 -1.16
N15 GE7 F . 5.78 20.65 -1.46
O20 GE7 F . 6.10 16.74 -5.29
O21 GE7 F . 5.09 18.67 -5.29
O22 GE7 F . 5.75 16.25 -2.57
C25 GE7 F . 5.00 16.37 -0.20
C26 GE7 F . 3.85 14.81 -1.79
#